data_5KNG
#
_entry.id   5KNG
#
_cell.length_a   96.080
_cell.length_b   96.080
_cell.length_c   206.430
_cell.angle_alpha   90.00
_cell.angle_beta   90.00
_cell.angle_gamma   120.00
#
_symmetry.space_group_name_H-M   'H 3'
#
loop_
_entity.id
_entity.type
_entity.pdbx_description
1 polymer 'DARPIN 6G9'
2 non-polymer 'PHOSPHATE ION'
3 non-polymer GLYCEROL
4 water water
#
_entity_poly.entity_id   1
_entity_poly.type   'polypeptide(L)'
_entity_poly.pdbx_seq_one_letter_code
;MRGSHHHHHHGSDLDKKLLEAARAGQDDEVRILMANGADVNARDSYGSTPLHLAAREGHLEIVEVLLKYGADVNAADFIG
DTPLHLAAYRGHLEIVEVLLKYGADVNASDITGETPLHLAAQIGHLEIVEVLLKHGADVNAQDKFGKTPADIAADNGHED
IAEVLQKLN
;
_entity_poly.pdbx_strand_id   A,B,C,D
#
loop_
_chem_comp.id
_chem_comp.type
_chem_comp.name
_chem_comp.formula
GOL non-polymer GLYCEROL 'C3 H8 O3'
PO4 non-polymer 'PHOSPHATE ION' 'O4 P -3'
#
# COMPACT_ATOMS: atom_id res chain seq x y z
N SER A 12 7.33 -17.87 15.76
CA SER A 12 7.82 -19.07 16.49
C SER A 12 9.07 -19.67 15.83
N ASP A 13 9.70 -20.61 16.53
CA ASP A 13 10.87 -21.32 16.02
C ASP A 13 10.53 -22.11 14.75
N LEU A 14 9.42 -22.84 14.78
CA LEU A 14 8.97 -23.63 13.63
C LEU A 14 8.64 -22.74 12.43
N ASP A 15 7.97 -21.62 12.68
CA ASP A 15 7.64 -20.68 11.62
C ASP A 15 8.90 -20.14 10.94
N LYS A 16 9.91 -19.80 11.74
CA LYS A 16 11.18 -19.31 11.20
C LYS A 16 11.84 -20.37 10.32
N LYS A 17 11.83 -21.62 10.80
CA LYS A 17 12.42 -22.73 10.05
C LYS A 17 11.69 -22.96 8.71
N LEU A 18 10.37 -22.80 8.71
CA LEU A 18 9.58 -22.95 7.48
C LEU A 18 9.90 -21.86 6.46
N LEU A 19 9.97 -20.62 6.92
CA LEU A 19 10.37 -19.50 6.05
C LEU A 19 11.73 -19.80 5.43
N GLU A 20 12.69 -20.23 6.25
CA GLU A 20 14.02 -20.58 5.76
C GLU A 20 14.02 -21.73 4.75
N ALA A 21 13.26 -22.79 5.04
CA ALA A 21 13.18 -23.93 4.13
C ALA A 21 12.57 -23.57 2.77
N ALA A 22 11.53 -22.73 2.79
CA ALA A 22 10.89 -22.27 1.56
C ALA A 22 11.85 -21.40 0.73
N ARG A 23 12.54 -20.48 1.39
CA ARG A 23 13.54 -19.64 0.73
C ARG A 23 14.67 -20.47 0.12
N ALA A 24 15.13 -21.48 0.87
CA ALA A 24 16.25 -22.33 0.47
C ALA A 24 15.88 -23.41 -0.55
N GLY A 25 14.59 -23.63 -0.76
CA GLY A 25 14.14 -24.62 -1.74
C GLY A 25 14.14 -26.06 -1.25
N GLN A 26 13.99 -26.24 0.06
CA GLN A 26 14.04 -27.56 0.70
C GLN A 26 12.63 -28.15 0.84
N ASP A 27 12.25 -28.95 -0.15
CA ASP A 27 10.88 -29.46 -0.31
C ASP A 27 10.47 -30.36 0.88
N ASP A 28 11.25 -31.40 1.15
CA ASP A 28 10.90 -32.30 2.24
C ASP A 28 10.84 -31.57 3.57
N GLU A 29 11.76 -30.64 3.80
CA GLU A 29 11.74 -29.85 5.03
C GLU A 29 10.46 -29.02 5.16
N VAL A 30 10.04 -28.36 4.07
CA VAL A 30 8.78 -27.62 4.07
C VAL A 30 7.62 -28.53 4.53
N ARG A 31 7.54 -29.71 3.93
CA ARG A 31 6.46 -30.66 4.23
C ARG A 31 6.49 -31.11 5.69
N ILE A 32 7.68 -31.48 6.17
CA ILE A 32 7.82 -31.99 7.54
C ILE A 32 7.53 -30.90 8.56
N LEU A 33 8.01 -29.69 8.31
CA LEU A 33 7.74 -28.58 9.22
C LEU A 33 6.26 -28.25 9.31
N MET A 34 5.57 -28.22 8.16
CA MET A 34 4.14 -27.96 8.15
C MET A 34 3.34 -29.08 8.83
N ALA A 35 3.77 -30.32 8.64
CA ALA A 35 3.11 -31.46 9.31
C ALA A 35 3.19 -31.31 10.82
N ASN A 36 4.29 -30.71 11.29
CA ASN A 36 4.51 -30.46 12.72
C ASN A 36 3.89 -29.16 13.26
N GLY A 37 3.12 -28.45 12.43
CA GLY A 37 2.35 -27.30 12.88
C GLY A 37 2.84 -25.93 12.49
N ALA A 38 3.90 -25.86 11.68
CA ALA A 38 4.39 -24.56 11.19
C ALA A 38 3.28 -23.90 10.37
N ASP A 39 3.10 -22.59 10.58
CA ASP A 39 2.05 -21.82 9.92
C ASP A 39 2.44 -21.57 8.47
N VAL A 40 1.63 -22.11 7.55
CA VAL A 40 1.89 -21.95 6.11
C VAL A 40 1.94 -20.47 5.74
N ASN A 41 1.23 -19.65 6.50
CA ASN A 41 1.19 -18.21 6.27
C ASN A 41 1.98 -17.40 7.30
N ALA A 42 3.02 -18.03 7.86
CA ALA A 42 3.97 -17.35 8.75
C ALA A 42 4.56 -16.11 8.10
N ARG A 43 4.85 -15.10 8.91
CA ARG A 43 5.38 -13.83 8.41
C ARG A 43 6.77 -13.58 8.98
N ASP A 44 7.70 -13.15 8.13
CA ASP A 44 8.99 -12.69 8.61
C ASP A 44 8.95 -11.19 8.93
N SER A 45 10.11 -10.60 9.22
CA SER A 45 10.19 -9.19 9.63
C SER A 45 9.87 -8.21 8.48
N TYR A 46 9.86 -8.72 7.25
CA TYR A 46 9.49 -7.96 6.06
C TYR A 46 8.03 -8.18 5.67
N GLY A 47 7.33 -9.03 6.43
CA GLY A 47 5.95 -9.39 6.13
C GLY A 47 5.83 -10.47 5.05
N SER A 48 6.94 -11.09 4.69
CA SER A 48 6.97 -12.16 3.69
C SER A 48 6.48 -13.49 4.26
N THR A 49 5.68 -14.19 3.48
CA THR A 49 5.25 -15.56 3.78
C THR A 49 6.17 -16.57 3.09
N PRO A 50 6.13 -17.86 3.50
CA PRO A 50 6.85 -18.87 2.74
C PRO A 50 6.59 -18.85 1.22
N LEU A 51 5.33 -18.61 0.82
CA LEU A 51 5.01 -18.51 -0.60
C LEU A 51 5.71 -17.32 -1.29
N HIS A 52 5.77 -16.16 -0.62
CA HIS A 52 6.56 -15.04 -1.15
C HIS A 52 7.99 -15.49 -1.44
N LEU A 53 8.60 -16.17 -0.48
CA LEU A 53 10.01 -16.52 -0.60
C LEU A 53 10.26 -17.56 -1.69
N ALA A 54 9.43 -18.59 -1.75
CA ALA A 54 9.56 -19.60 -2.80
C ALA A 54 9.29 -19.02 -4.18
N ALA A 55 8.31 -18.13 -4.28
CA ALA A 55 7.98 -17.49 -5.56
C ALA A 55 9.11 -16.57 -6.01
N ARG A 56 9.66 -15.79 -5.07
CA ARG A 56 10.76 -14.89 -5.39
C ARG A 56 12.00 -15.65 -5.86
N GLU A 57 12.32 -16.73 -5.17
CA GLU A 57 13.54 -17.49 -5.45
C GLU A 57 13.40 -18.48 -6.60
N GLY A 58 12.19 -18.63 -7.13
CA GLY A 58 11.98 -19.43 -8.33
C GLY A 58 11.83 -20.92 -8.08
N HIS A 59 11.45 -21.29 -6.85
CA HIS A 59 11.32 -22.71 -6.48
C HIS A 59 9.91 -23.20 -6.86
N LEU A 60 9.78 -23.68 -8.09
CA LEU A 60 8.46 -24.00 -8.66
C LEU A 60 7.71 -25.07 -7.88
N GLU A 61 8.35 -26.20 -7.61
CA GLU A 61 7.63 -27.26 -6.91
C GLU A 61 7.21 -26.84 -5.52
N ILE A 62 8.05 -26.10 -4.80
CA ILE A 62 7.67 -25.61 -3.48
C ILE A 62 6.50 -24.63 -3.54
N VAL A 63 6.45 -23.76 -4.55
CA VAL A 63 5.27 -22.92 -4.77
C VAL A 63 4.01 -23.80 -4.87
N GLU A 64 4.12 -24.86 -5.65
CA GLU A 64 2.98 -25.79 -5.85
C GLU A 64 2.58 -26.51 -4.56
N VAL A 65 3.58 -26.96 -3.81
CA VAL A 65 3.36 -27.59 -2.50
C VAL A 65 2.64 -26.62 -1.54
N LEU A 66 3.18 -25.42 -1.41
CA LEU A 66 2.59 -24.45 -0.48
C LEU A 66 1.14 -24.15 -0.83
N LEU A 67 0.85 -23.94 -2.12
CA LEU A 67 -0.51 -23.67 -2.56
C LEU A 67 -1.44 -24.86 -2.31
N LYS A 68 -0.96 -26.07 -2.57
CA LYS A 68 -1.74 -27.29 -2.34
C LYS A 68 -2.11 -27.44 -0.87
N TYR A 69 -1.23 -26.98 0.01
CA TYR A 69 -1.40 -27.15 1.45
C TYR A 69 -1.79 -25.84 2.16
N GLY A 70 -2.51 -24.98 1.44
CA GLY A 70 -3.24 -23.89 2.08
C GLY A 70 -2.64 -22.49 2.13
N ALA A 71 -1.55 -22.25 1.41
CA ALA A 71 -0.95 -20.90 1.40
C ALA A 71 -1.90 -19.85 0.84
N ASP A 72 -1.85 -18.65 1.41
CA ASP A 72 -2.62 -17.51 0.95
C ASP A 72 -1.96 -16.93 -0.29
N VAL A 73 -2.58 -17.15 -1.44
CA VAL A 73 -2.01 -16.75 -2.73
C VAL A 73 -1.84 -15.23 -2.85
N ASN A 74 -2.67 -14.49 -2.12
CA ASN A 74 -2.68 -13.03 -2.20
C ASN A 74 -2.10 -12.30 -0.99
N ALA A 75 -1.35 -13.02 -0.15
CA ALA A 75 -0.65 -12.40 0.99
C ALA A 75 0.20 -11.23 0.49
N ALA A 76 0.19 -10.11 1.23
CA ALA A 76 1.00 -8.94 0.89
C ALA A 76 2.02 -8.69 1.98
N ASP A 77 3.26 -8.39 1.59
CA ASP A 77 4.31 -8.09 2.55
C ASP A 77 4.24 -6.62 3.01
N PHE A 78 5.24 -6.17 3.77
CA PHE A 78 5.19 -4.82 4.34
C PHE A 78 5.36 -3.67 3.35
N ILE A 79 5.66 -3.99 2.09
CA ILE A 79 5.61 -2.95 1.05
C ILE A 79 4.52 -3.28 0.01
N GLY A 80 3.60 -4.15 0.39
CA GLY A 80 2.41 -4.43 -0.42
C GLY A 80 2.60 -5.40 -1.56
N ASP A 81 3.77 -6.05 -1.65
CA ASP A 81 4.01 -6.99 -2.73
C ASP A 81 3.41 -8.36 -2.40
N THR A 82 2.76 -8.94 -3.40
CA THR A 82 2.24 -10.30 -3.33
C THR A 82 3.26 -11.25 -3.96
N PRO A 83 3.09 -12.56 -3.75
CA PRO A 83 3.94 -13.52 -4.47
C PRO A 83 3.94 -13.30 -5.99
N LEU A 84 2.80 -12.96 -6.56
CA LEU A 84 2.76 -12.65 -8.00
C LEU A 84 3.62 -11.46 -8.39
N HIS A 85 3.61 -10.39 -7.59
CA HIS A 85 4.53 -9.28 -7.85
C HIS A 85 5.97 -9.79 -7.90
N LEU A 86 6.36 -10.63 -6.95
CA LEU A 86 7.76 -11.05 -6.88
C LEU A 86 8.16 -11.95 -8.02
N ALA A 87 7.29 -12.89 -8.39
CA ALA A 87 7.58 -13.77 -9.52
C ALA A 87 7.63 -12.98 -10.85
N ALA A 88 6.76 -11.98 -10.98
CA ALA A 88 6.72 -11.16 -12.19
C ALA A 88 7.96 -10.27 -12.30
N TYR A 89 8.44 -9.79 -11.16
CA TYR A 89 9.64 -8.96 -11.07
C TYR A 89 10.89 -9.78 -11.42
N ARG A 90 11.05 -10.92 -10.78
CA ARG A 90 12.25 -11.76 -10.96
C ARG A 90 12.28 -12.43 -12.32
N GLY A 91 11.11 -12.77 -12.86
CA GLY A 91 11.02 -13.39 -14.16
C GLY A 91 10.71 -14.88 -14.16
N HIS A 92 10.00 -15.35 -13.15
CA HIS A 92 9.68 -16.78 -13.04
C HIS A 92 8.32 -17.05 -13.67
N LEU A 93 8.34 -17.38 -14.95
CA LEU A 93 7.14 -17.48 -15.77
C LEU A 93 6.18 -18.59 -15.32
N GLU A 94 6.71 -19.77 -15.08
CA GLU A 94 5.88 -20.90 -14.68
C GLU A 94 5.21 -20.62 -13.34
N ILE A 95 5.96 -20.02 -12.42
CA ILE A 95 5.41 -19.61 -11.13
C ILE A 95 4.28 -18.57 -11.30
N VAL A 96 4.48 -17.58 -12.18
CA VAL A 96 3.41 -16.62 -12.49
C VAL A 96 2.14 -17.36 -12.91
N GLU A 97 2.29 -18.31 -13.82
CA GLU A 97 1.15 -19.09 -14.33
C GLU A 97 0.42 -19.85 -13.21
N VAL A 98 1.19 -20.53 -12.36
CA VAL A 98 0.59 -21.31 -11.27
C VAL A 98 -0.10 -20.40 -10.25
N LEU A 99 0.53 -19.27 -9.90
CA LEU A 99 -0.10 -18.34 -8.98
C LEU A 99 -1.44 -17.85 -9.53
N LEU A 100 -1.46 -17.50 -10.81
CA LEU A 100 -2.72 -17.07 -11.43
C LEU A 100 -3.78 -18.17 -11.39
N LYS A 101 -3.37 -19.40 -11.66
CA LYS A 101 -4.30 -20.55 -11.60
C LYS A 101 -4.95 -20.68 -10.21
N TYR A 102 -4.17 -20.41 -9.17
CA TYR A 102 -4.65 -20.47 -7.79
C TYR A 102 -5.34 -19.19 -7.30
N GLY A 103 -5.60 -18.26 -8.21
CA GLY A 103 -6.42 -17.08 -7.89
C GLY A 103 -5.67 -15.81 -7.52
N ALA A 104 -4.39 -15.74 -7.85
CA ALA A 104 -3.63 -14.50 -7.60
C ALA A 104 -4.31 -13.31 -8.29
N ASP A 105 -4.38 -12.20 -7.57
CA ASP A 105 -4.94 -10.96 -8.09
C ASP A 105 -3.98 -10.33 -9.11
N VAL A 106 -4.36 -10.39 -10.38
CA VAL A 106 -3.49 -9.93 -11.46
C VAL A 106 -3.19 -8.43 -11.37
N ASN A 107 -4.08 -7.68 -10.71
CA ASN A 107 -3.95 -6.23 -10.59
C ASN A 107 -3.63 -5.73 -9.16
N ALA A 108 -3.09 -6.62 -8.33
CA ALA A 108 -2.66 -6.23 -6.98
C ALA A 108 -1.71 -5.04 -7.04
N SER A 109 -1.88 -4.09 -6.13
CA SER A 109 -1.13 -2.85 -6.12
C SER A 109 -0.29 -2.75 -4.86
N ASP A 110 1.00 -2.49 -4.99
CA ASP A 110 1.88 -2.41 -3.82
C ASP A 110 1.96 -0.97 -3.24
N ILE A 111 2.91 -0.72 -2.36
CA ILE A 111 3.00 0.57 -1.63
C ILE A 111 3.06 1.80 -2.54
N THR A 112 3.69 1.69 -3.71
CA THR A 112 3.73 2.82 -4.65
C THR A 112 2.83 2.57 -5.87
N GLY A 113 1.87 1.66 -5.75
CA GLY A 113 0.90 1.43 -6.82
C GLY A 113 1.42 0.62 -8.00
N GLU A 114 2.52 -0.10 -7.80
CA GLU A 114 2.99 -1.00 -8.85
C GLU A 114 2.13 -2.25 -8.87
N THR A 115 1.70 -2.61 -10.06
CA THR A 115 1.02 -3.89 -10.30
C THR A 115 2.06 -4.89 -10.81
N PRO A 116 1.73 -6.19 -10.81
CA PRO A 116 2.64 -7.14 -11.44
C PRO A 116 3.07 -6.76 -12.87
N LEU A 117 2.16 -6.21 -13.66
CA LEU A 117 2.52 -5.76 -15.00
C LEU A 117 3.55 -4.63 -15.00
N HIS A 118 3.43 -3.68 -14.06
CA HIS A 118 4.47 -2.67 -13.91
C HIS A 118 5.84 -3.31 -13.66
N LEU A 119 5.89 -4.33 -12.80
CA LEU A 119 7.16 -4.93 -12.43
C LEU A 119 7.78 -5.76 -13.55
N ALA A 120 6.94 -6.48 -14.29
CA ALA A 120 7.42 -7.22 -15.46
C ALA A 120 7.95 -6.25 -16.52
N ALA A 121 7.29 -5.11 -16.68
CA ALA A 121 7.77 -4.06 -17.59
C ALA A 121 9.07 -3.43 -17.12
N GLN A 122 9.23 -3.30 -15.80
CA GLN A 122 10.43 -2.70 -15.20
C GLN A 122 11.68 -3.51 -15.49
N ILE A 123 11.59 -4.81 -15.24
CA ILE A 123 12.75 -5.71 -15.31
C ILE A 123 12.92 -6.29 -16.72
N GLY A 124 11.85 -6.31 -17.50
CA GLY A 124 11.92 -6.66 -18.91
C GLY A 124 11.62 -8.12 -19.20
N HIS A 125 10.45 -8.59 -18.77
CA HIS A 125 10.07 -9.99 -18.98
C HIS A 125 8.86 -10.07 -19.92
N LEU A 126 9.15 -10.21 -21.21
CA LEU A 126 8.12 -10.17 -22.25
C LEU A 126 7.07 -11.27 -22.15
N GLU A 127 7.49 -12.51 -21.97
CA GLU A 127 6.52 -13.59 -21.89
C GLU A 127 5.59 -13.41 -20.68
N ILE A 128 6.14 -12.93 -19.57
CA ILE A 128 5.32 -12.67 -18.39
C ILE A 128 4.33 -11.53 -18.64
N VAL A 129 4.77 -10.46 -19.29
CA VAL A 129 3.87 -9.39 -19.72
C VAL A 129 2.67 -9.98 -20.47
N GLU A 130 2.94 -10.87 -21.42
CA GLU A 130 1.86 -11.45 -22.22
C GLU A 130 0.90 -12.30 -21.39
N VAL A 131 1.43 -13.08 -20.45
CA VAL A 131 0.58 -13.88 -19.57
C VAL A 131 -0.31 -12.98 -18.71
N LEU A 132 0.29 -11.94 -18.13
CA LEU A 132 -0.48 -11.00 -17.32
C LEU A 132 -1.59 -10.33 -18.11
N LEU A 133 -1.28 -9.89 -19.33
CA LEU A 133 -2.28 -9.27 -20.21
C LEU A 133 -3.46 -10.20 -20.48
N LYS A 134 -3.13 -11.45 -20.78
CA LYS A 134 -4.16 -12.44 -21.12
C LYS A 134 -5.05 -12.75 -19.91
N HIS A 135 -4.54 -12.51 -18.71
CA HIS A 135 -5.31 -12.70 -17.47
C HIS A 135 -5.95 -11.42 -16.92
N GLY A 136 -5.99 -10.38 -17.75
CA GLY A 136 -6.74 -9.17 -17.38
C GLY A 136 -5.97 -8.06 -16.69
N ALA A 137 -4.63 -8.07 -16.79
CA ALA A 137 -3.86 -6.94 -16.25
C ALA A 137 -4.31 -5.63 -16.90
N ASP A 138 -4.44 -4.59 -16.07
CA ASP A 138 -4.93 -3.30 -16.52
C ASP A 138 -3.80 -2.45 -17.08
N VAL A 139 -3.80 -2.26 -18.40
CA VAL A 139 -2.75 -1.47 -19.05
C VAL A 139 -2.78 0.03 -18.71
N ASN A 140 -3.91 0.49 -18.16
CA ASN A 140 -4.06 1.91 -17.79
C ASN A 140 -3.62 2.21 -16.36
N ALA A 141 -3.29 1.16 -15.59
CA ALA A 141 -2.93 1.35 -14.19
C ALA A 141 -1.73 2.29 -14.05
N GLN A 142 -1.90 3.33 -13.25
CA GLN A 142 -0.84 4.29 -12.99
C GLN A 142 -0.30 4.12 -11.58
N ASP A 143 1.02 4.03 -11.45
CA ASP A 143 1.63 3.98 -10.13
C ASP A 143 1.77 5.39 -9.54
N LYS A 144 2.37 5.48 -8.35
CA LYS A 144 2.46 6.76 -7.64
C LYS A 144 3.50 7.70 -8.26
N PHE A 145 4.21 7.20 -9.27
CA PHE A 145 5.13 8.01 -10.06
C PHE A 145 4.46 8.50 -11.36
N GLY A 146 3.17 8.19 -11.50
CA GLY A 146 2.39 8.57 -12.68
C GLY A 146 2.61 7.69 -13.89
N LYS A 147 3.20 6.52 -13.69
CA LYS A 147 3.62 5.66 -14.80
C LYS A 147 2.67 4.51 -15.06
N THR A 148 2.32 4.30 -16.32
CA THR A 148 1.70 3.04 -16.73
C THR A 148 2.82 2.02 -16.96
N PRO A 149 2.47 0.72 -17.07
CA PRO A 149 3.50 -0.25 -17.47
C PRO A 149 4.20 0.11 -18.78
N ALA A 150 3.47 0.62 -19.77
CA ALA A 150 4.10 1.03 -21.03
C ALA A 150 5.13 2.14 -20.82
N ASP A 151 4.82 3.09 -19.92
CA ASP A 151 5.77 4.16 -19.61
C ASP A 151 7.05 3.59 -19.02
N ILE A 152 6.90 2.66 -18.08
CA ILE A 152 8.06 2.02 -17.47
C ILE A 152 8.91 1.27 -18.51
N ALA A 153 8.26 0.49 -19.37
CA ALA A 153 9.00 -0.26 -20.40
C ALA A 153 9.82 0.68 -21.28
N ALA A 154 9.21 1.79 -21.71
CA ALA A 154 9.89 2.76 -22.55
C ALA A 154 11.03 3.42 -21.77
N ASP A 155 10.75 3.83 -20.54
CA ASP A 155 11.78 4.46 -19.69
C ASP A 155 13.01 3.59 -19.50
N ASN A 156 12.81 2.29 -19.38
CA ASN A 156 13.87 1.34 -19.05
C ASN A 156 14.46 0.63 -20.26
N GLY A 157 14.09 1.08 -21.45
CA GLY A 157 14.71 0.60 -22.69
C GLY A 157 14.27 -0.78 -23.12
N HIS A 158 13.12 -1.22 -22.62
CA HIS A 158 12.56 -2.51 -23.02
C HIS A 158 11.60 -2.32 -24.18
N GLU A 159 12.20 -2.16 -25.37
CA GLU A 159 11.48 -1.81 -26.58
C GLU A 159 10.46 -2.87 -27.01
N ASP A 160 10.82 -4.14 -26.89
CA ASP A 160 9.90 -5.23 -27.25
C ASP A 160 8.58 -5.15 -26.48
N ILE A 161 8.68 -4.88 -25.19
CA ILE A 161 7.52 -4.76 -24.31
C ILE A 161 6.73 -3.49 -24.62
N ALA A 162 7.42 -2.37 -24.78
CA ALA A 162 6.75 -1.12 -25.16
C ALA A 162 5.94 -1.31 -26.45
N GLU A 163 6.51 -2.01 -27.42
CA GLU A 163 5.85 -2.27 -28.70
C GLU A 163 4.57 -3.11 -28.55
N VAL A 164 4.63 -4.13 -27.70
CA VAL A 164 3.47 -4.96 -27.40
C VAL A 164 2.36 -4.11 -26.76
N LEU A 165 2.72 -3.30 -25.77
CA LEU A 165 1.72 -2.54 -25.03
C LEU A 165 1.08 -1.43 -25.86
N GLN A 166 1.84 -0.92 -26.84
CA GLN A 166 1.37 0.15 -27.73
C GLN A 166 0.24 -0.28 -28.65
N LYS A 167 0.11 -1.58 -28.90
CA LYS A 167 -0.93 -2.13 -29.77
C LYS A 167 -2.30 -2.17 -29.10
N LEU A 168 -2.34 -1.91 -27.80
CA LEU A 168 -3.47 -2.29 -26.94
C LEU A 168 -4.36 -1.14 -26.50
N ASN A 169 -4.02 0.08 -26.90
CA ASN A 169 -4.71 1.26 -26.39
C ASN A 169 -6.03 1.59 -27.09
N GLY B 11 -31.38 -17.82 -14.28
CA GLY B 11 -32.68 -17.14 -14.56
C GLY B 11 -33.88 -18.07 -14.39
N SER B 12 -33.79 -18.97 -13.42
CA SER B 12 -34.87 -19.93 -13.16
C SER B 12 -36.06 -19.30 -12.46
N ASP B 13 -37.22 -19.93 -12.59
CA ASP B 13 -38.43 -19.52 -11.88
C ASP B 13 -38.21 -19.43 -10.38
N LEU B 14 -37.52 -20.43 -9.82
CA LEU B 14 -37.22 -20.47 -8.39
C LEU B 14 -36.39 -19.27 -7.95
N ASP B 15 -35.34 -18.96 -8.71
CA ASP B 15 -34.49 -17.83 -8.38
C ASP B 15 -35.22 -16.49 -8.55
N LYS B 16 -36.10 -16.40 -9.55
CA LYS B 16 -36.94 -15.22 -9.74
C LYS B 16 -37.83 -15.00 -8.53
N LYS B 17 -38.39 -16.07 -7.98
CA LYS B 17 -39.20 -15.96 -6.77
C LYS B 17 -38.38 -15.46 -5.59
N LEU B 18 -37.14 -15.94 -5.47
CA LEU B 18 -36.24 -15.50 -4.40
C LEU B 18 -35.90 -14.01 -4.53
N LEU B 19 -35.52 -13.59 -5.73
CA LEU B 19 -35.24 -12.18 -6.01
C LEU B 19 -36.44 -11.29 -5.65
N GLU B 20 -37.63 -11.69 -6.08
CA GLU B 20 -38.85 -10.93 -5.79
C GLU B 20 -39.14 -10.86 -4.29
N ALA B 21 -38.99 -11.99 -3.58
CA ALA B 21 -39.27 -12.03 -2.15
C ALA B 21 -38.28 -11.16 -1.38
N ALA B 22 -37.01 -11.19 -1.78
CA ALA B 22 -35.98 -10.38 -1.14
C ALA B 22 -36.24 -8.89 -1.33
N ARG B 23 -36.60 -8.50 -2.56
CA ARG B 23 -36.93 -7.11 -2.88
C ARG B 23 -38.16 -6.61 -2.11
N ALA B 24 -39.19 -7.45 -2.04
CA ALA B 24 -40.47 -7.08 -1.44
C ALA B 24 -40.48 -7.15 0.08
N GLY B 25 -39.47 -7.79 0.68
CA GLY B 25 -39.42 -7.90 2.14
C GLY B 25 -40.28 -9.01 2.70
N GLN B 26 -40.47 -10.08 1.93
CA GLN B 26 -41.27 -11.22 2.36
C GLN B 26 -40.39 -12.24 3.09
N ASP B 27 -40.23 -12.02 4.40
CA ASP B 27 -39.28 -12.78 5.22
C ASP B 27 -39.52 -14.28 5.19
N ASP B 28 -40.76 -14.69 5.43
CA ASP B 28 -41.12 -16.11 5.46
C ASP B 28 -40.84 -16.78 4.12
N GLU B 29 -41.19 -16.10 3.04
CA GLU B 29 -40.98 -16.62 1.70
C GLU B 29 -39.49 -16.81 1.37
N VAL B 30 -38.64 -15.84 1.72
CA VAL B 30 -37.21 -16.00 1.58
C VAL B 30 -36.71 -17.25 2.33
N ARG B 31 -37.17 -17.42 3.56
CA ARG B 31 -36.73 -18.58 4.35
C ARG B 31 -37.14 -19.90 3.70
N ILE B 32 -38.38 -19.97 3.26
CA ILE B 32 -38.90 -21.17 2.58
C ILE B 32 -38.10 -21.46 1.29
N LEU B 33 -37.88 -20.45 0.46
CA LEU B 33 -37.17 -20.64 -0.80
C LEU B 33 -35.73 -21.08 -0.57
N MET B 34 -35.07 -20.47 0.41
CA MET B 34 -33.69 -20.84 0.73
C MET B 34 -33.59 -22.27 1.24
N ALA B 35 -34.55 -22.69 2.06
CA ALA B 35 -34.57 -24.05 2.61
C ALA B 35 -34.92 -25.10 1.55
N ASN B 36 -35.63 -24.67 0.50
CA ASN B 36 -36.14 -25.58 -0.52
C ASN B 36 -35.39 -25.52 -1.85
N GLY B 37 -34.16 -25.02 -1.82
CA GLY B 37 -33.26 -25.12 -2.95
C GLY B 37 -32.92 -23.89 -3.77
N ALA B 38 -33.38 -22.70 -3.37
CA ALA B 38 -33.08 -21.50 -4.15
C ALA B 38 -31.60 -21.09 -4.06
N ASP B 39 -31.10 -20.48 -5.13
CA ASP B 39 -29.69 -20.05 -5.21
C ASP B 39 -29.51 -18.71 -4.54
N VAL B 40 -28.78 -18.70 -3.43
CA VAL B 40 -28.54 -17.49 -2.65
C VAL B 40 -27.96 -16.35 -3.49
N ASN B 41 -27.19 -16.71 -4.52
CA ASN B 41 -26.54 -15.73 -5.39
C ASN B 41 -27.16 -15.65 -6.79
N ALA B 42 -28.48 -15.87 -6.87
CA ALA B 42 -29.27 -15.63 -8.08
C ALA B 42 -29.07 -14.21 -8.61
N ARG B 43 -29.24 -14.02 -9.91
CA ARG B 43 -29.04 -12.70 -10.54
C ARG B 43 -30.26 -12.27 -11.34
N ASP B 44 -30.67 -11.01 -11.20
CA ASP B 44 -31.71 -10.45 -12.08
C ASP B 44 -31.08 -9.82 -13.32
N SER B 45 -31.89 -9.13 -14.13
CA SER B 45 -31.42 -8.55 -15.39
C SER B 45 -30.49 -7.35 -15.23
N TYR B 46 -30.41 -6.82 -14.00
CA TYR B 46 -29.47 -5.74 -13.68
C TYR B 46 -28.18 -6.26 -13.03
N GLY B 47 -28.07 -7.57 -12.87
CA GLY B 47 -26.92 -8.17 -12.19
C GLY B 47 -27.05 -8.16 -10.67
N SER B 48 -28.23 -7.82 -10.17
CA SER B 48 -28.48 -7.78 -8.72
C SER B 48 -28.71 -9.17 -8.16
N THR B 49 -28.16 -9.41 -6.98
CA THR B 49 -28.43 -10.60 -6.20
C THR B 49 -29.56 -10.32 -5.20
N PRO B 50 -30.16 -11.37 -4.60
CA PRO B 50 -31.13 -11.13 -3.54
C PRO B 50 -30.58 -10.21 -2.43
N LEU B 51 -29.29 -10.37 -2.08
CA LEU B 51 -28.68 -9.52 -1.08
C LEU B 51 -28.64 -8.03 -1.49
N HIS B 52 -28.33 -7.75 -2.76
CA HIS B 52 -28.41 -6.38 -3.28
C HIS B 52 -29.79 -5.80 -3.03
N LEU B 53 -30.82 -6.58 -3.38
CA LEU B 53 -32.20 -6.09 -3.33
C LEU B 53 -32.67 -5.86 -1.90
N ALA B 54 -32.40 -6.80 -1.00
CA ALA B 54 -32.77 -6.64 0.40
C ALA B 54 -32.00 -5.48 1.06
N ALA B 55 -30.71 -5.35 0.73
CA ALA B 55 -29.90 -4.26 1.29
C ALA B 55 -30.38 -2.89 0.79
N ARG B 56 -30.69 -2.81 -0.50
CA ARG B 56 -31.18 -1.58 -1.10
C ARG B 56 -32.51 -1.16 -0.46
N GLU B 57 -33.41 -2.11 -0.29
CA GLU B 57 -34.76 -1.83 0.18
C GLU B 57 -34.91 -1.77 1.70
N GLY B 58 -33.83 -2.05 2.40
CA GLY B 58 -33.78 -1.87 3.85
C GLY B 58 -34.33 -3.01 4.69
N HIS B 59 -34.40 -4.20 4.11
CA HIS B 59 -35.00 -5.36 4.77
C HIS B 59 -33.93 -6.09 5.59
N LEU B 60 -33.77 -5.66 6.83
CA LEU B 60 -32.66 -6.12 7.68
C LEU B 60 -32.66 -7.62 7.93
N GLU B 61 -33.81 -8.18 8.31
CA GLU B 61 -33.87 -9.60 8.62
C GLU B 61 -33.50 -10.47 7.41
N ILE B 62 -33.99 -10.09 6.24
CA ILE B 62 -33.65 -10.82 5.02
C ILE B 62 -32.16 -10.72 4.69
N VAL B 63 -31.56 -9.53 4.86
CA VAL B 63 -30.12 -9.38 4.69
C VAL B 63 -29.39 -10.42 5.54
N GLU B 64 -29.81 -10.57 6.80
CA GLU B 64 -29.15 -11.50 7.72
C GLU B 64 -29.36 -12.96 7.32
N VAL B 65 -30.57 -13.31 6.92
CA VAL B 65 -30.86 -14.67 6.48
C VAL B 65 -29.99 -15.02 5.27
N LEU B 66 -29.95 -14.12 4.29
CA LEU B 66 -29.14 -14.36 3.11
C LEU B 66 -27.65 -14.49 3.42
N LEU B 67 -27.13 -13.60 4.27
CA LEU B 67 -25.73 -13.70 4.66
C LEU B 67 -25.42 -15.03 5.34
N LYS B 68 -26.32 -15.48 6.22
CA LYS B 68 -26.13 -16.75 6.93
C LYS B 68 -26.14 -17.94 5.97
N TYR B 69 -26.89 -17.84 4.89
CA TYR B 69 -26.91 -18.85 3.82
C TYR B 69 -25.73 -18.74 2.86
N GLY B 70 -24.83 -17.80 3.10
CA GLY B 70 -23.60 -17.69 2.32
C GLY B 70 -23.66 -16.76 1.12
N ALA B 71 -24.59 -15.80 1.14
CA ALA B 71 -24.62 -14.77 0.09
C ALA B 71 -23.25 -14.13 -0.07
N ASP B 72 -22.87 -13.89 -1.31
CA ASP B 72 -21.63 -13.21 -1.62
C ASP B 72 -21.77 -11.74 -1.23
N VAL B 73 -21.11 -11.38 -0.14
CA VAL B 73 -21.28 -10.04 0.44
C VAL B 73 -20.76 -8.95 -0.49
N ASN B 74 -19.80 -9.32 -1.35
CA ASN B 74 -19.20 -8.38 -2.28
C ASN B 74 -19.63 -8.55 -3.74
N ALA B 75 -20.76 -9.22 -3.96
CA ALA B 75 -21.27 -9.35 -5.33
C ALA B 75 -21.49 -7.96 -5.94
N ALA B 76 -21.18 -7.83 -7.23
CA ALA B 76 -21.30 -6.56 -7.94
C ALA B 76 -22.33 -6.70 -9.05
N ASP B 77 -23.20 -5.70 -9.18
CA ASP B 77 -24.18 -5.69 -10.25
C ASP B 77 -23.55 -5.15 -11.55
N PHE B 78 -24.37 -4.92 -12.56
CA PHE B 78 -23.83 -4.55 -13.87
C PHE B 78 -23.27 -3.14 -13.95
N ILE B 79 -23.48 -2.32 -12.92
CA ILE B 79 -22.75 -1.04 -12.83
C ILE B 79 -21.75 -1.03 -11.67
N GLY B 80 -21.41 -2.22 -11.18
CA GLY B 80 -20.33 -2.38 -10.21
C GLY B 80 -20.67 -2.09 -8.76
N ASP B 81 -21.96 -1.87 -8.47
CA ASP B 81 -22.38 -1.63 -7.09
C ASP B 81 -22.51 -2.92 -6.32
N THR B 82 -22.01 -2.89 -5.09
CA THR B 82 -22.16 -3.97 -4.12
C THR B 82 -23.34 -3.67 -3.19
N PRO B 83 -23.81 -4.68 -2.42
CA PRO B 83 -24.83 -4.40 -1.42
C PRO B 83 -24.47 -3.25 -0.48
N LEU B 84 -23.20 -3.15 -0.08
CA LEU B 84 -22.77 -2.04 0.76
C LEU B 84 -22.93 -0.69 0.09
N HIS B 85 -22.58 -0.59 -1.20
CA HIS B 85 -22.85 0.64 -1.95
C HIS B 85 -24.34 1.04 -1.81
N LEU B 86 -25.23 0.08 -2.02
CA LEU B 86 -26.67 0.39 -2.04
C LEU B 86 -27.20 0.78 -0.67
N ALA B 87 -26.79 0.06 0.37
CA ALA B 87 -27.21 0.40 1.74
C ALA B 87 -26.65 1.77 2.14
N ALA B 88 -25.41 2.07 1.76
CA ALA B 88 -24.79 3.37 2.09
C ALA B 88 -25.47 4.53 1.35
N TYR B 89 -25.87 4.29 0.11
CA TYR B 89 -26.57 5.26 -0.71
C TYR B 89 -27.96 5.54 -0.14
N ARG B 90 -28.73 4.50 0.11
CA ARG B 90 -30.12 4.66 0.57
C ARG B 90 -30.20 5.17 2.00
N GLY B 91 -29.24 4.81 2.84
CA GLY B 91 -29.19 5.28 4.22
C GLY B 91 -29.58 4.24 5.27
N HIS B 92 -29.34 2.96 4.98
CA HIS B 92 -29.73 1.89 5.91
C HIS B 92 -28.55 1.55 6.80
N LEU B 93 -28.48 2.23 7.95
CA LEU B 93 -27.31 2.20 8.82
C LEU B 93 -27.02 0.81 9.42
N GLU B 94 -28.07 0.18 9.93
CA GLU B 94 -27.92 -1.13 10.55
C GLU B 94 -27.45 -2.14 9.51
N ILE B 95 -28.02 -2.08 8.31
CA ILE B 95 -27.58 -2.95 7.23
C ILE B 95 -26.11 -2.70 6.85
N VAL B 96 -25.71 -1.43 6.77
CA VAL B 96 -24.29 -1.12 6.54
C VAL B 96 -23.42 -1.85 7.57
N GLU B 97 -23.78 -1.74 8.85
CA GLU B 97 -23.01 -2.36 9.92
C GLU B 97 -22.92 -3.88 9.76
N VAL B 98 -24.06 -4.50 9.48
CA VAL B 98 -24.14 -5.97 9.35
C VAL B 98 -23.32 -6.42 8.13
N LEU B 99 -23.45 -5.72 7.01
CA LEU B 99 -22.66 -6.07 5.82
C LEU B 99 -21.16 -6.02 6.12
N LEU B 100 -20.72 -4.97 6.80
CA LEU B 100 -19.32 -4.86 7.19
C LEU B 100 -18.87 -6.01 8.10
N LYS B 101 -19.72 -6.39 9.07
CA LYS B 101 -19.45 -7.52 9.95
C LYS B 101 -19.23 -8.81 9.16
N TYR B 102 -20.00 -8.99 8.08
CA TYR B 102 -19.89 -10.19 7.25
C TYR B 102 -18.87 -10.07 6.10
N GLY B 103 -18.01 -9.06 6.17
CA GLY B 103 -16.86 -8.97 5.29
C GLY B 103 -16.98 -8.05 4.08
N ALA B 104 -17.98 -7.16 4.06
CA ALA B 104 -18.11 -6.22 2.94
C ALA B 104 -16.83 -5.39 2.76
N ASP B 105 -16.45 -5.22 1.49
CA ASP B 105 -15.30 -4.41 1.12
C ASP B 105 -15.68 -2.93 1.25
N VAL B 106 -15.12 -2.28 2.26
CA VAL B 106 -15.43 -0.89 2.56
C VAL B 106 -15.05 0.07 1.43
N ASN B 107 -14.08 -0.32 0.59
CA ASN B 107 -13.57 0.53 -0.48
C ASN B 107 -13.90 0.01 -1.89
N ALA B 108 -14.91 -0.85 -2.00
CA ALA B 108 -15.38 -1.31 -3.31
C ALA B 108 -15.68 -0.12 -4.22
N SER B 109 -15.32 -0.25 -5.49
CA SER B 109 -15.40 0.83 -6.46
C SER B 109 -16.35 0.41 -7.58
N ASP B 110 -17.35 1.24 -7.88
CA ASP B 110 -18.29 0.90 -8.94
C ASP B 110 -17.84 1.42 -10.32
N ILE B 111 -18.73 1.40 -11.30
CA ILE B 111 -18.36 1.72 -12.69
C ILE B 111 -17.73 3.10 -12.88
N THR B 112 -18.13 4.09 -12.07
CA THR B 112 -17.48 5.40 -12.14
C THR B 112 -16.55 5.67 -10.96
N GLY B 113 -16.11 4.60 -10.29
CA GLY B 113 -15.17 4.76 -9.19
C GLY B 113 -15.75 5.30 -7.90
N GLU B 114 -17.08 5.23 -7.75
CA GLU B 114 -17.68 5.58 -6.47
C GLU B 114 -17.45 4.47 -5.47
N THR B 115 -16.97 4.84 -4.30
CA THR B 115 -16.91 3.96 -3.14
C THR B 115 -18.17 4.15 -2.29
N PRO B 116 -18.46 3.22 -1.35
CA PRO B 116 -19.57 3.49 -0.42
C PRO B 116 -19.48 4.85 0.27
N LEU B 117 -18.30 5.30 0.64
CA LEU B 117 -18.16 6.62 1.26
C LEU B 117 -18.58 7.76 0.31
N HIS B 118 -18.26 7.65 -0.99
CA HIS B 118 -18.73 8.64 -1.96
C HIS B 118 -20.26 8.69 -1.96
N LEU B 119 -20.91 7.53 -1.93
CA LEU B 119 -22.38 7.48 -2.00
C LEU B 119 -23.06 8.01 -0.75
N ALA B 120 -22.49 7.70 0.42
CA ALA B 120 -22.99 8.25 1.68
C ALA B 120 -22.84 9.78 1.73
N ALA B 121 -21.72 10.28 1.20
CA ALA B 121 -21.50 11.73 1.06
C ALA B 121 -22.46 12.37 0.05
N GLN B 122 -22.81 11.64 -1.00
CA GLN B 122 -23.69 12.13 -2.06
C GLN B 122 -25.08 12.38 -1.52
N ILE B 123 -25.63 11.38 -0.83
CA ILE B 123 -27.01 11.42 -0.39
C ILE B 123 -27.16 12.09 0.98
N GLY B 124 -26.08 12.12 1.75
CA GLY B 124 -26.05 12.90 3.00
C GLY B 124 -26.37 12.08 4.24
N HIS B 125 -25.64 11.00 4.44
CA HIS B 125 -25.88 10.11 5.59
C HIS B 125 -24.69 10.14 6.55
N LEU B 126 -24.76 11.05 7.52
CA LEU B 126 -23.65 11.29 8.45
C LEU B 126 -23.24 10.08 9.28
N GLU B 127 -24.19 9.40 9.91
CA GLU B 127 -23.87 8.24 10.73
C GLU B 127 -23.20 7.12 9.90
N ILE B 128 -23.70 6.93 8.67
CA ILE B 128 -23.06 5.96 7.77
C ILE B 128 -21.64 6.38 7.38
N VAL B 129 -21.44 7.67 7.06
CA VAL B 129 -20.10 8.17 6.83
C VAL B 129 -19.17 7.77 7.99
N GLU B 130 -19.63 7.99 9.22
CA GLU B 130 -18.82 7.68 10.40
C GLU B 130 -18.47 6.19 10.51
N VAL B 131 -19.44 5.32 10.24
CA VAL B 131 -19.18 3.86 10.29
C VAL B 131 -18.16 3.46 9.22
N LEU B 132 -18.33 4.00 8.01
CA LEU B 132 -17.42 3.70 6.92
C LEU B 132 -15.99 4.13 7.26
N LEU B 133 -15.85 5.35 7.79
CA LEU B 133 -14.55 5.84 8.25
C LEU B 133 -13.90 4.93 9.28
N LYS B 134 -14.70 4.51 10.26
CA LYS B 134 -14.25 3.62 11.33
C LYS B 134 -13.72 2.30 10.77
N HIS B 135 -14.31 1.86 9.65
CA HIS B 135 -13.93 0.61 9.01
C HIS B 135 -12.90 0.76 7.90
N GLY B 136 -12.26 1.92 7.80
CA GLY B 136 -11.12 2.08 6.91
C GLY B 136 -11.42 2.63 5.52
N ALA B 137 -12.56 3.28 5.34
CA ALA B 137 -12.87 3.93 4.07
C ALA B 137 -11.78 4.96 3.74
N ASP B 138 -11.37 4.98 2.48
CA ASP B 138 -10.26 5.84 2.06
C ASP B 138 -10.79 7.23 1.69
N VAL B 139 -10.46 8.23 2.52
CA VAL B 139 -10.93 9.60 2.29
C VAL B 139 -10.31 10.25 1.05
N ASN B 140 -9.22 9.68 0.55
CA ASN B 140 -8.54 10.21 -0.64
C ASN B 140 -9.04 9.61 -1.96
N ALA B 141 -9.92 8.62 -1.88
CA ALA B 141 -10.41 7.95 -3.09
C ALA B 141 -11.08 8.95 -4.04
N GLN B 142 -10.63 8.99 -5.28
CA GLN B 142 -11.22 9.85 -6.30
C GLN B 142 -12.02 9.02 -7.28
N ASP B 143 -13.25 9.45 -7.56
CA ASP B 143 -14.05 8.81 -8.60
C ASP B 143 -13.67 9.32 -9.99
N LYS B 144 -14.37 8.86 -11.02
CA LYS B 144 -14.04 9.20 -12.40
C LYS B 144 -14.39 10.64 -12.76
N PHE B 145 -15.07 11.34 -11.85
CA PHE B 145 -15.35 12.77 -11.99
C PHE B 145 -14.30 13.62 -11.26
N GLY B 146 -13.28 12.95 -10.73
CA GLY B 146 -12.19 13.60 -10.00
C GLY B 146 -12.53 13.98 -8.58
N LYS B 147 -13.61 13.43 -8.03
CA LYS B 147 -14.13 13.83 -6.72
C LYS B 147 -13.78 12.88 -5.59
N THR B 148 -13.30 13.42 -4.48
CA THR B 148 -13.24 12.68 -3.23
C THR B 148 -14.63 12.73 -2.57
N PRO B 149 -14.87 11.87 -1.56
CA PRO B 149 -16.11 12.02 -0.80
C PRO B 149 -16.32 13.43 -0.22
N ALA B 150 -15.26 14.06 0.29
CA ALA B 150 -15.39 15.43 0.80
C ALA B 150 -15.84 16.41 -0.28
N ASP B 151 -15.32 16.24 -1.50
CA ASP B 151 -15.73 17.09 -2.63
C ASP B 151 -17.22 16.93 -2.88
N ILE B 152 -17.69 15.69 -2.91
CA ILE B 152 -19.10 15.42 -3.15
C ILE B 152 -19.98 16.03 -2.06
N ALA B 153 -19.59 15.84 -0.79
CA ALA B 153 -20.37 16.39 0.32
C ALA B 153 -20.51 17.91 0.19
N ALA B 154 -19.41 18.59 -0.11
CA ALA B 154 -19.44 20.05 -0.28
C ALA B 154 -20.29 20.44 -1.49
N ASP B 155 -20.10 19.74 -2.62
CA ASP B 155 -20.85 20.05 -3.83
C ASP B 155 -22.35 19.93 -3.62
N ASN B 156 -22.76 18.96 -2.81
CA ASN B 156 -24.17 18.65 -2.61
C ASN B 156 -24.79 19.30 -1.38
N GLY B 157 -24.05 20.22 -0.77
CA GLY B 157 -24.58 21.02 0.33
C GLY B 157 -24.71 20.28 1.65
N HIS B 158 -23.96 19.20 1.82
CA HIS B 158 -24.00 18.43 3.06
C HIS B 158 -22.87 18.90 3.94
N GLU B 159 -23.12 20.06 4.58
CA GLU B 159 -22.12 20.78 5.35
C GLU B 159 -21.58 19.98 6.54
N ASP B 160 -22.48 19.27 7.23
CA ASP B 160 -22.09 18.48 8.41
C ASP B 160 -21.06 17.41 8.04
N ILE B 161 -21.29 16.74 6.91
CA ILE B 161 -20.39 15.71 6.42
C ILE B 161 -19.08 16.31 5.92
N ALA B 162 -19.18 17.42 5.17
CA ALA B 162 -17.98 18.10 4.68
C ALA B 162 -17.07 18.50 5.84
N GLU B 163 -17.66 19.02 6.91
CA GLU B 163 -16.94 19.42 8.11
C GLU B 163 -16.24 18.24 8.81
N VAL B 164 -16.94 17.12 8.94
CA VAL B 164 -16.38 15.89 9.49
C VAL B 164 -15.15 15.44 8.68
N LEU B 165 -15.31 15.39 7.36
CA LEU B 165 -14.23 14.89 6.49
C LEU B 165 -13.02 15.83 6.46
N GLN B 166 -13.29 17.13 6.64
CA GLN B 166 -12.24 18.16 6.67
C GLN B 166 -11.27 18.00 7.85
N LYS B 167 -11.74 17.41 8.94
CA LYS B 167 -10.91 17.20 10.12
C LYS B 167 -9.87 16.12 9.92
N LEU B 168 -9.98 15.37 8.82
CA LEU B 168 -9.27 14.09 8.68
C LEU B 168 -8.07 14.12 7.78
N ASN B 169 -7.79 15.27 7.16
CA ASN B 169 -6.76 15.33 6.13
C ASN B 169 -5.33 15.42 6.64
N SER C 12 19.40 7.29 8.24
CA SER C 12 19.21 8.46 9.13
C SER C 12 18.47 9.60 8.42
N ASP C 13 19.00 10.02 7.26
CA ASP C 13 18.40 11.10 6.48
C ASP C 13 17.04 10.69 5.91
N LEU C 14 16.94 9.44 5.45
CA LEU C 14 15.69 8.89 4.91
C LEU C 14 14.64 8.79 6.01
N ASP C 15 15.05 8.32 7.18
CA ASP C 15 14.16 8.20 8.34
C ASP C 15 13.63 9.57 8.79
N LYS C 16 14.50 10.57 8.81
CA LYS C 16 14.11 11.94 9.15
C LYS C 16 13.05 12.46 8.17
N LYS C 17 13.25 12.20 6.88
CA LYS C 17 12.29 12.59 5.85
C LYS C 17 10.93 11.90 6.02
N LEU C 18 10.95 10.63 6.43
CA LEU C 18 9.71 9.88 6.64
C LEU C 18 8.92 10.46 7.81
N LEU C 19 9.62 10.71 8.91
CA LEU C 19 9.02 11.35 10.09
C LEU C 19 8.38 12.68 9.70
N GLU C 20 9.10 13.50 8.94
CA GLU C 20 8.58 14.78 8.48
C GLU C 20 7.36 14.64 7.56
N ALA C 21 7.39 13.67 6.64
CA ALA C 21 6.28 13.45 5.72
C ALA C 21 5.02 12.98 6.45
N ALA C 22 5.20 12.12 7.44
CA ALA C 22 4.08 11.64 8.24
C ALA C 22 3.47 12.78 9.05
N ARG C 23 4.32 13.59 9.67
CA ARG C 23 3.87 14.75 10.44
C ARG C 23 3.11 15.75 9.56
N ALA C 24 3.64 15.99 8.36
CA ALA C 24 3.07 16.99 7.45
C ALA C 24 1.87 16.49 6.65
N GLY C 25 1.60 15.19 6.71
CA GLY C 25 0.43 14.63 6.04
C GLY C 25 0.62 14.38 4.54
N GLN C 26 1.86 14.12 4.14
CA GLN C 26 2.21 13.88 2.74
C GLN C 26 2.19 12.39 2.40
N ASP C 27 1.04 11.92 1.91
CA ASP C 27 0.76 10.50 1.69
C ASP C 27 1.72 9.85 0.69
N ASP C 28 1.76 10.41 -0.52
CA ASP C 28 2.62 9.86 -1.56
C ASP C 28 4.09 9.83 -1.14
N GLU C 29 4.54 10.88 -0.44
CA GLU C 29 5.90 10.94 0.08
C GLU C 29 6.18 9.83 1.09
N VAL C 30 5.25 9.59 2.02
CA VAL C 30 5.37 8.49 2.96
C VAL C 30 5.60 7.16 2.20
N ARG C 31 4.76 6.91 1.21
CA ARG C 31 4.83 5.69 0.40
C ARG C 31 6.18 5.54 -0.33
N ILE C 32 6.58 6.61 -1.02
CA ILE C 32 7.83 6.60 -1.79
C ILE C 32 9.06 6.46 -0.89
N LEU C 33 9.06 7.16 0.26
CA LEU C 33 10.17 7.03 1.21
C LEU C 33 10.31 5.61 1.76
N MET C 34 9.20 5.00 2.17
CA MET C 34 9.20 3.63 2.66
C MET C 34 9.62 2.63 1.59
N ALA C 35 9.18 2.86 0.35
CA ALA C 35 9.58 2.00 -0.77
C ALA C 35 11.09 2.06 -1.00
N ASN C 36 11.69 3.21 -0.68
CA ASN C 36 13.14 3.39 -0.82
C ASN C 36 13.95 2.99 0.41
N GLY C 37 13.28 2.43 1.42
CA GLY C 37 13.97 1.86 2.57
C GLY C 37 13.83 2.58 3.91
N ALA C 38 13.11 3.70 3.93
CA ALA C 38 12.87 4.42 5.17
C ALA C 38 12.17 3.49 6.18
N ASP C 39 12.65 3.52 7.42
CA ASP C 39 12.16 2.64 8.48
C ASP C 39 10.79 3.09 8.98
N VAL C 40 9.78 2.25 8.80
CA VAL C 40 8.41 2.57 9.22
C VAL C 40 8.33 2.89 10.72
N ASN C 41 9.25 2.35 11.51
CA ASN C 41 9.32 2.61 12.95
C ASN C 41 10.49 3.51 13.36
N ALA C 42 10.91 4.39 12.46
CA ALA C 42 11.93 5.41 12.75
C ALA C 42 11.52 6.25 13.95
N ARG C 43 12.51 6.80 14.66
CA ARG C 43 12.25 7.58 15.86
C ARG C 43 12.82 9.00 15.76
N ASP C 44 12.01 9.99 16.14
CA ASP C 44 12.52 11.36 16.24
C ASP C 44 13.21 11.55 17.61
N SER C 45 13.59 12.79 17.91
CA SER C 45 14.32 13.11 19.13
C SER C 45 13.57 12.80 20.43
N TYR C 46 12.24 12.72 20.35
CA TYR C 46 11.42 12.40 21.52
C TYR C 46 10.83 10.99 21.47
N GLY C 47 11.40 10.15 20.61
CA GLY C 47 10.96 8.75 20.51
C GLY C 47 9.67 8.51 19.75
N SER C 48 9.18 9.54 19.06
CA SER C 48 7.96 9.41 18.25
C SER C 48 8.26 8.73 16.93
N THR C 49 7.39 7.78 16.57
CA THR C 49 7.43 7.14 15.25
C THR C 49 6.57 7.91 14.25
N PRO C 50 6.70 7.59 12.95
CA PRO C 50 5.78 8.18 11.98
C PRO C 50 4.32 8.00 12.36
N LEU C 51 3.96 6.82 12.89
CA LEU C 51 2.60 6.59 13.33
C LEU C 51 2.18 7.51 14.49
N HIS C 52 3.07 7.73 15.46
CA HIS C 52 2.78 8.70 16.53
C HIS C 52 2.44 10.06 15.92
N LEU C 53 3.25 10.50 14.96
CA LEU C 53 3.10 11.84 14.39
C LEU C 53 1.83 11.97 13.56
N ALA C 54 1.55 10.98 12.72
CA ALA C 54 0.33 10.99 11.94
C ALA C 54 -0.91 10.92 12.84
N ALA C 55 -0.86 10.09 13.86
CA ALA C 55 -1.99 9.97 14.80
C ALA C 55 -2.22 11.25 15.59
N ARG C 56 -1.13 11.87 16.06
CA ARG C 56 -1.20 13.13 16.80
C ARG C 56 -1.77 14.25 15.94
N GLU C 57 -1.31 14.36 14.69
CA GLU C 57 -1.72 15.43 13.79
C GLU C 57 -3.05 15.19 13.09
N GLY C 58 -3.65 14.02 13.27
CA GLY C 58 -4.97 13.77 12.74
C GLY C 58 -5.04 13.35 11.26
N HIS C 59 -3.93 12.85 10.73
CA HIS C 59 -3.86 12.45 9.31
C HIS C 59 -4.35 11.01 9.17
N LEU C 60 -5.66 10.87 8.97
CA LEU C 60 -6.31 9.55 9.00
C LEU C 60 -5.76 8.57 7.95
N GLU C 61 -5.70 9.00 6.70
CA GLU C 61 -5.26 8.07 5.65
C GLU C 61 -3.82 7.64 5.88
N ILE C 62 -2.96 8.55 6.32
CA ILE C 62 -1.57 8.19 6.60
C ILE C 62 -1.47 7.17 7.75
N VAL C 63 -2.29 7.35 8.80
CA VAL C 63 -2.36 6.34 9.86
C VAL C 63 -2.67 4.96 9.25
N GLU C 64 -3.66 4.93 8.36
CA GLU C 64 -4.07 3.67 7.73
C GLU C 64 -2.95 3.08 6.85
N VAL C 65 -2.27 3.93 6.10
CA VAL C 65 -1.14 3.53 5.26
C VAL C 65 -0.03 2.93 6.13
N LEU C 66 0.37 3.65 7.17
CA LEU C 66 1.46 3.17 8.02
C LEU C 66 1.15 1.82 8.64
N LEU C 67 -0.09 1.66 9.12
CA LEU C 67 -0.53 0.39 9.70
C LEU C 67 -0.54 -0.76 8.69
N LYS C 68 -1.02 -0.47 7.48
CA LYS C 68 -1.05 -1.45 6.38
C LYS C 68 0.36 -1.94 6.03
N TYR C 69 1.34 -1.04 6.17
CA TYR C 69 2.71 -1.31 5.74
C TYR C 69 3.68 -1.50 6.92
N GLY C 70 3.15 -2.08 8.00
CA GLY C 70 3.96 -2.65 9.06
C GLY C 70 4.28 -1.84 10.30
N ALA C 71 3.66 -0.67 10.47
CA ALA C 71 3.93 0.14 11.66
C ALA C 71 3.57 -0.58 12.95
N ASP C 72 4.40 -0.37 13.97
CA ASP C 72 4.15 -0.90 15.30
C ASP C 72 3.07 -0.07 16.00
N VAL C 73 1.88 -0.67 16.14
CA VAL C 73 0.72 0.05 16.67
C VAL C 73 0.91 0.47 18.14
N ASN C 74 1.78 -0.23 18.85
CA ASN C 74 2.01 0.03 20.27
C ASN C 74 3.36 0.62 20.61
N ALA C 75 4.03 1.22 19.62
CA ALA C 75 5.29 1.92 19.86
C ALA C 75 5.10 2.98 20.94
N ALA C 76 6.09 3.12 21.81
CA ALA C 76 6.04 4.06 22.92
C ALA C 76 7.12 5.12 22.80
N ASP C 77 6.75 6.38 23.02
CA ASP C 77 7.70 7.50 22.92
C ASP C 77 8.46 7.75 24.22
N PHE C 78 9.14 8.90 24.31
CA PHE C 78 9.97 9.23 25.49
C PHE C 78 9.25 9.19 26.85
N ILE C 79 7.93 9.43 26.85
CA ILE C 79 7.16 9.33 28.09
C ILE C 79 6.21 8.13 28.13
N GLY C 80 6.45 7.17 27.24
CA GLY C 80 5.64 5.94 27.22
C GLY C 80 4.28 6.10 26.57
N ASP C 81 4.07 7.20 25.85
CA ASP C 81 2.83 7.39 25.10
C ASP C 81 2.85 6.60 23.80
N THR C 82 1.75 5.91 23.55
CA THR C 82 1.52 5.20 22.30
C THR C 82 0.76 6.11 21.32
N PRO C 83 0.69 5.74 20.03
CA PRO C 83 -0.16 6.52 19.12
C PRO C 83 -1.61 6.68 19.61
N LEU C 84 -2.16 5.65 20.25
CA LEU C 84 -3.51 5.76 20.80
C LEU C 84 -3.61 6.83 21.88
N HIS C 85 -2.61 6.93 22.75
CA HIS C 85 -2.58 8.02 23.74
C HIS C 85 -2.70 9.36 23.02
N LEU C 86 -1.91 9.55 21.97
CA LEU C 86 -1.89 10.85 21.29
C LEU C 86 -3.20 11.18 20.58
N ALA C 87 -3.78 10.19 19.90
CA ALA C 87 -5.07 10.40 19.23
C ALA C 87 -6.19 10.67 20.23
N ALA C 88 -6.18 9.96 21.37
CA ALA C 88 -7.17 10.17 22.42
C ALA C 88 -7.03 11.54 23.08
N TYR C 89 -5.78 12.01 23.24
CA TYR C 89 -5.49 13.32 23.82
C TYR C 89 -5.97 14.43 22.89
N ARG C 90 -5.57 14.37 21.62
CA ARG C 90 -5.89 15.43 20.67
C ARG C 90 -7.36 15.44 20.29
N GLY C 91 -7.97 14.26 20.24
CA GLY C 91 -9.40 14.16 19.92
C GLY C 91 -9.72 13.62 18.53
N HIS C 92 -8.86 12.75 18.00
CA HIS C 92 -9.07 12.21 16.65
C HIS C 92 -9.78 10.87 16.73
N LEU C 93 -11.11 10.92 16.65
CA LEU C 93 -11.95 9.76 16.92
C LEU C 93 -11.76 8.59 15.95
N GLU C 94 -11.74 8.90 14.65
CA GLU C 94 -11.60 7.88 13.62
C GLU C 94 -10.25 7.18 13.74
N ILE C 95 -9.21 7.96 14.04
CA ILE C 95 -7.88 7.41 14.26
C ILE C 95 -7.87 6.49 15.48
N VAL C 96 -8.52 6.90 16.57
CA VAL C 96 -8.67 6.04 17.73
C VAL C 96 -9.28 4.70 17.30
N GLU C 97 -10.35 4.75 16.50
CA GLU C 97 -11.04 3.53 16.04
C GLU C 97 -10.10 2.62 15.24
N VAL C 98 -9.36 3.20 14.31
CA VAL C 98 -8.47 2.40 13.46
C VAL C 98 -7.30 1.81 14.25
N LEU C 99 -6.73 2.59 15.17
CA LEU C 99 -5.66 2.05 16.01
C LEU C 99 -6.14 0.84 16.81
N LEU C 100 -7.33 0.95 17.39
CA LEU C 100 -7.91 -0.17 18.15
C LEU C 100 -8.12 -1.39 17.26
N LYS C 101 -8.62 -1.18 16.04
CA LYS C 101 -8.78 -2.29 15.09
C LYS C 101 -7.46 -3.01 14.81
N TYR C 102 -6.36 -2.26 14.73
CA TYR C 102 -5.05 -2.83 14.49
C TYR C 102 -4.34 -3.34 15.74
N GLY C 103 -5.05 -3.41 16.86
CA GLY C 103 -4.53 -4.05 18.06
C GLY C 103 -3.90 -3.15 19.11
N ALA C 104 -4.16 -1.84 19.02
CA ALA C 104 -3.66 -0.92 20.04
C ALA C 104 -4.15 -1.37 21.42
N ASP C 105 -3.24 -1.30 22.39
CA ASP C 105 -3.57 -1.60 23.78
C ASP C 105 -4.40 -0.46 24.36
N VAL C 106 -5.69 -0.72 24.57
CA VAL C 106 -6.62 0.29 25.08
C VAL C 106 -6.22 0.81 26.47
N ASN C 107 -5.49 -0.01 27.22
CA ASN C 107 -5.11 0.33 28.60
C ASN C 107 -3.61 0.61 28.77
N ALA C 108 -2.93 0.92 27.66
CA ALA C 108 -1.51 1.26 27.71
C ALA C 108 -1.29 2.39 28.73
N SER C 109 -0.24 2.28 29.52
CA SER C 109 0.04 3.21 30.60
C SER C 109 1.36 3.91 30.35
N ASP C 110 1.35 5.25 30.35
CA ASP C 110 2.57 6.02 30.12
C ASP C 110 3.36 6.22 31.42
N ILE C 111 4.42 7.02 31.38
CA ILE C 111 5.36 7.13 32.50
C ILE C 111 4.70 7.64 33.81
N THR C 112 3.67 8.47 33.70
CA THR C 112 2.94 8.94 34.90
C THR C 112 1.65 8.16 35.16
N GLY C 113 1.49 7.03 34.47
CA GLY C 113 0.35 6.16 34.69
C GLY C 113 -0.92 6.56 33.97
N GLU C 114 -0.82 7.48 33.00
CA GLU C 114 -1.99 7.85 32.21
C GLU C 114 -2.29 6.79 31.15
N THR C 115 -3.54 6.36 31.12
CA THR C 115 -4.07 5.54 30.02
C THR C 115 -4.71 6.46 28.97
N PRO C 116 -4.98 5.94 27.75
CA PRO C 116 -5.74 6.76 26.81
C PRO C 116 -7.06 7.35 27.37
N LEU C 117 -7.77 6.58 28.19
CA LEU C 117 -8.98 7.10 28.81
C LEU C 117 -8.72 8.30 29.73
N HIS C 118 -7.61 8.26 30.48
CA HIS C 118 -7.20 9.43 31.30
C HIS C 118 -7.04 10.66 30.40
N LEU C 119 -6.41 10.48 29.25
CA LEU C 119 -6.10 11.61 28.37
C LEU C 119 -7.35 12.18 27.69
N ALA C 120 -8.25 11.29 27.27
CA ALA C 120 -9.53 11.74 26.73
C ALA C 120 -10.35 12.49 27.78
N ALA C 121 -10.29 12.01 29.03
CA ALA C 121 -10.94 12.69 30.16
C ALA C 121 -10.29 14.04 30.46
N GLN C 122 -8.97 14.11 30.30
CA GLN C 122 -8.21 15.33 30.56
C GLN C 122 -8.61 16.47 29.64
N ILE C 123 -8.61 16.18 28.34
CA ILE C 123 -8.85 17.20 27.31
C ILE C 123 -10.33 17.39 27.02
N GLY C 124 -11.14 16.38 27.33
CA GLY C 124 -12.59 16.52 27.26
C GLY C 124 -13.21 16.03 25.95
N HIS C 125 -12.95 14.77 25.61
CA HIS C 125 -13.46 14.19 24.37
C HIS C 125 -14.46 13.09 24.69
N LEU C 126 -15.73 13.49 24.83
CA LEU C 126 -16.78 12.58 25.28
C LEU C 126 -16.98 11.39 24.34
N GLU C 127 -17.07 11.66 23.04
CA GLU C 127 -17.28 10.60 22.06
C GLU C 127 -16.12 9.59 22.10
N ILE C 128 -14.89 10.06 22.25
CA ILE C 128 -13.74 9.17 22.37
C ILE C 128 -13.75 8.37 23.68
N VAL C 129 -14.15 9.03 24.76
CA VAL C 129 -14.35 8.33 26.03
C VAL C 129 -15.27 7.11 25.81
N GLU C 130 -16.40 7.33 25.13
CA GLU C 130 -17.35 6.24 24.88
C GLU C 130 -16.74 5.13 24.04
N VAL C 131 -16.03 5.52 22.97
CA VAL C 131 -15.35 4.54 22.12
C VAL C 131 -14.38 3.69 22.94
N LEU C 132 -13.55 4.34 23.76
CA LEU C 132 -12.58 3.63 24.58
C LEU C 132 -13.24 2.69 25.59
N LEU C 133 -14.30 3.17 26.24
CA LEU C 133 -15.07 2.36 27.19
C LEU C 133 -15.62 1.10 26.52
N LYS C 134 -16.23 1.28 25.36
CA LYS C 134 -16.88 0.20 24.62
C LYS C 134 -15.84 -0.82 24.12
N HIS C 135 -14.57 -0.41 24.14
CA HIS C 135 -13.44 -1.29 23.81
C HIS C 135 -12.64 -1.81 25.00
N GLY C 136 -13.18 -1.67 26.20
CA GLY C 136 -12.57 -2.26 27.38
C GLY C 136 -11.60 -1.39 28.19
N ALA C 137 -11.67 -0.07 27.99
CA ALA C 137 -10.87 0.85 28.82
C ALA C 137 -11.23 0.69 30.30
N ASP C 138 -10.19 0.68 31.13
CA ASP C 138 -10.33 0.44 32.57
C ASP C 138 -10.72 1.72 33.32
N VAL C 139 -11.97 1.80 33.78
CA VAL C 139 -12.46 2.98 34.50
C VAL C 139 -11.78 3.20 35.86
N ASN C 140 -11.17 2.15 36.41
CA ASN C 140 -10.56 2.21 37.74
C ASN C 140 -9.07 2.42 37.75
N ALA C 141 -8.47 2.51 36.56
CA ALA C 141 -7.03 2.75 36.43
C ALA C 141 -6.65 4.06 37.12
N GLN C 142 -5.65 4.00 38.00
CA GLN C 142 -5.16 5.17 38.71
C GLN C 142 -3.78 5.57 38.21
N ASP C 143 -3.60 6.84 37.91
CA ASP C 143 -2.28 7.34 37.54
C ASP C 143 -1.41 7.60 38.77
N LYS C 144 -0.23 8.17 38.57
CA LYS C 144 0.73 8.36 39.66
C LYS C 144 0.27 9.37 40.71
N PHE C 145 -0.69 10.21 40.33
CA PHE C 145 -1.31 11.17 41.25
C PHE C 145 -2.53 10.56 41.96
N GLY C 146 -2.77 9.27 41.72
CA GLY C 146 -3.91 8.56 42.30
C GLY C 146 -5.25 8.81 41.62
N LYS C 147 -5.21 9.42 40.44
CA LYS C 147 -6.43 9.83 39.74
C LYS C 147 -6.95 8.77 38.78
N THR C 148 -8.25 8.51 38.86
CA THR C 148 -8.94 7.72 37.84
C THR C 148 -9.33 8.70 36.72
N PRO C 149 -9.70 8.17 35.53
CA PRO C 149 -10.25 9.08 34.51
C PRO C 149 -11.44 9.94 34.99
N ALA C 150 -12.34 9.38 35.78
CA ALA C 150 -13.44 10.16 36.36
C ALA C 150 -12.95 11.33 37.22
N ASP C 151 -11.89 11.09 38.02
CA ASP C 151 -11.28 12.13 38.85
C ASP C 151 -10.77 13.26 37.97
N ILE C 152 -10.03 12.92 36.91
CA ILE C 152 -9.50 13.91 35.98
C ILE C 152 -10.62 14.72 35.33
N ALA C 153 -11.64 14.03 34.83
CA ALA C 153 -12.75 14.73 34.18
C ALA C 153 -13.41 15.74 35.14
N ALA C 154 -13.63 15.31 36.37
CA ALA C 154 -14.25 16.18 37.39
C ALA C 154 -13.34 17.37 37.69
N ASP C 155 -12.06 17.08 37.91
CA ASP C 155 -11.06 18.11 38.24
C ASP C 155 -10.97 19.16 37.13
N ASN C 156 -11.11 18.70 35.89
CA ASN C 156 -10.91 19.58 34.73
C ASN C 156 -12.22 20.18 34.20
N GLY C 157 -13.30 20.05 34.96
CA GLY C 157 -14.56 20.71 34.63
C GLY C 157 -15.33 20.11 33.46
N HIS C 158 -15.02 18.87 33.12
CA HIS C 158 -15.72 18.15 32.06
C HIS C 158 -16.83 17.33 32.70
N GLU C 159 -17.91 18.04 33.04
CA GLU C 159 -18.98 17.51 33.86
C GLU C 159 -19.71 16.34 33.21
N ASP C 160 -19.97 16.46 31.92
CA ASP C 160 -20.66 15.40 31.17
C ASP C 160 -19.89 14.09 31.22
N ILE C 161 -18.58 14.17 30.97
CA ILE C 161 -17.72 13.00 31.00
C ILE C 161 -17.64 12.40 32.40
N ALA C 162 -17.47 13.25 33.42
CA ALA C 162 -17.42 12.80 34.80
C ALA C 162 -18.67 12.01 35.18
N GLU C 163 -19.84 12.51 34.77
CA GLU C 163 -21.13 11.88 35.04
C GLU C 163 -21.23 10.52 34.38
N VAL C 164 -20.88 10.45 33.10
CA VAL C 164 -20.88 9.21 32.33
C VAL C 164 -20.03 8.16 33.06
N LEU C 165 -18.80 8.54 33.40
CA LEU C 165 -17.86 7.63 34.05
C LEU C 165 -18.33 7.17 35.44
N GLN C 166 -18.89 8.10 36.21
CA GLN C 166 -19.32 7.79 37.57
C GLN C 166 -20.43 6.73 37.60
N LYS C 167 -21.27 6.69 36.57
CA LYS C 167 -22.35 5.71 36.43
C LYS C 167 -21.88 4.28 36.11
N LEU C 168 -20.59 4.13 35.84
CA LEU C 168 -20.02 2.85 35.41
C LEU C 168 -19.26 2.16 36.53
N ASN C 169 -19.31 2.75 37.72
CA ASN C 169 -18.66 2.17 38.90
C ASN C 169 -19.42 0.96 39.46
N LYS D 16 14.22 26.46 -9.94
CA LYS D 16 13.20 25.45 -10.37
C LYS D 16 13.01 25.41 -11.88
N LYS D 17 13.42 26.49 -12.55
CA LYS D 17 13.32 26.58 -14.01
C LYS D 17 14.31 25.66 -14.72
N LEU D 18 15.53 25.58 -14.21
CA LEU D 18 16.58 24.74 -14.78
C LEU D 18 16.29 23.25 -14.57
N LEU D 19 15.69 22.94 -13.42
CA LEU D 19 15.27 21.57 -13.10
C LEU D 19 14.23 21.05 -14.08
N GLU D 20 13.24 21.89 -14.39
CA GLU D 20 12.15 21.53 -15.30
C GLU D 20 12.61 21.40 -16.74
N ALA D 21 13.54 22.27 -17.16
CA ALA D 21 14.07 22.25 -18.52
C ALA D 21 14.99 21.06 -18.75
N ALA D 22 15.77 20.69 -17.74
CA ALA D 22 16.67 19.53 -17.80
C ALA D 22 15.88 18.22 -17.85
N ARG D 23 14.78 18.16 -17.10
CA ARG D 23 13.95 16.97 -17.00
C ARG D 23 13.14 16.74 -18.27
N ALA D 24 12.58 17.82 -18.82
CA ALA D 24 11.72 17.74 -20.00
C ALA D 24 12.50 17.64 -21.31
N GLY D 25 13.79 17.98 -21.27
CA GLY D 25 14.63 17.94 -22.45
C GLY D 25 14.54 19.19 -23.31
N GLN D 26 14.52 20.35 -22.65
CA GLN D 26 14.45 21.64 -23.35
C GLN D 26 15.84 22.23 -23.59
N ASP D 27 16.43 21.87 -24.73
CA ASP D 27 17.82 22.18 -25.03
C ASP D 27 18.13 23.68 -25.08
N ASP D 28 17.27 24.45 -25.76
CA ASP D 28 17.43 25.89 -25.89
C ASP D 28 17.25 26.62 -24.55
N GLU D 29 16.32 26.14 -23.74
CA GLU D 29 16.03 26.72 -22.42
C GLU D 29 17.18 26.53 -21.42
N VAL D 30 17.81 25.35 -21.47
CA VAL D 30 18.96 25.05 -20.62
C VAL D 30 20.17 25.89 -21.01
N ARG D 31 20.40 26.03 -22.31
CA ARG D 31 21.50 26.82 -22.85
C ARG D 31 21.36 28.31 -22.52
N ILE D 32 20.12 28.82 -22.56
CA ILE D 32 19.84 30.23 -22.28
C ILE D 32 19.92 30.56 -20.79
N LEU D 33 19.43 29.65 -19.95
CA LEU D 33 19.50 29.81 -18.49
C LEU D 33 20.93 29.66 -17.96
N MET D 34 21.79 29.06 -18.77
CA MET D 34 23.18 28.80 -18.37
C MET D 34 24.09 29.95 -18.77
N ALA D 38 21.58 30.82 -13.75
CA ALA D 38 21.05 29.72 -12.96
C ALA D 38 22.16 28.90 -12.30
N ASP D 39 21.87 28.35 -11.14
CA ASP D 39 22.79 27.48 -10.40
C ASP D 39 22.83 26.09 -11.03
N VAL D 40 24.03 25.62 -11.36
CA VAL D 40 24.22 24.30 -11.98
C VAL D 40 23.95 23.16 -11.00
N ASN D 41 24.11 23.45 -9.70
CA ASN D 41 23.92 22.45 -8.64
C ASN D 41 22.60 22.61 -7.89
N ALA D 42 21.58 23.11 -8.59
CA ALA D 42 20.24 23.28 -8.02
C ALA D 42 19.64 21.94 -7.60
N ARG D 43 18.78 21.96 -6.58
CA ARG D 43 18.22 20.73 -6.02
C ARG D 43 16.69 20.74 -6.03
N ASP D 44 16.09 19.56 -6.23
CA ASP D 44 14.63 19.41 -6.13
C ASP D 44 14.24 18.77 -4.78
N SER D 45 12.95 18.45 -4.64
CA SER D 45 12.39 17.93 -3.38
C SER D 45 12.98 16.58 -2.95
N TYR D 46 13.34 15.75 -3.93
CA TYR D 46 13.98 14.46 -3.66
C TYR D 46 15.50 14.52 -3.83
N GLY D 47 16.04 15.74 -3.87
CA GLY D 47 17.49 15.96 -3.92
C GLY D 47 18.17 15.81 -5.27
N SER D 48 17.38 15.80 -6.33
CA SER D 48 17.89 15.62 -7.69
C SER D 48 18.38 16.93 -8.29
N THR D 49 19.59 16.90 -8.86
CA THR D 49 20.16 18.04 -9.57
C THR D 49 19.67 18.04 -11.03
N PRO D 50 19.88 19.15 -11.76
CA PRO D 50 19.56 19.15 -13.19
C PRO D 50 20.25 18.02 -13.95
N LEU D 51 21.46 17.67 -13.54
CA LEU D 51 22.21 16.57 -14.15
C LEU D 51 21.53 15.22 -13.88
N HIS D 52 21.02 15.03 -12.65
CA HIS D 52 20.26 13.82 -12.30
C HIS D 52 19.08 13.60 -13.24
N LEU D 53 18.27 14.65 -13.42
CA LEU D 53 17.04 14.55 -14.18
C LEU D 53 17.30 14.34 -15.67
N ALA D 54 18.25 15.09 -16.22
CA ALA D 54 18.65 14.94 -17.62
C ALA D 54 19.27 13.57 -17.89
N ALA D 55 20.11 13.09 -16.96
CA ALA D 55 20.73 11.76 -17.09
C ALA D 55 19.68 10.64 -17.00
N ARG D 56 18.76 10.76 -16.04
CA ARG D 56 17.68 9.79 -15.88
C ARG D 56 16.79 9.73 -17.13
N GLU D 57 16.41 10.90 -17.64
CA GLU D 57 15.45 10.98 -18.74
C GLU D 57 16.06 10.83 -20.12
N GLY D 58 17.38 10.71 -20.18
CA GLY D 58 18.08 10.41 -21.43
C GLY D 58 18.38 11.59 -22.34
N HIS D 59 18.39 12.79 -21.79
CA HIS D 59 18.63 14.01 -22.59
C HIS D 59 20.12 14.32 -22.69
N LEU D 60 20.75 13.75 -23.72
CA LEU D 60 22.22 13.71 -23.85
C LEU D 60 22.91 15.06 -24.02
N GLU D 61 22.35 15.91 -24.87
CA GLU D 61 22.95 17.23 -25.13
C GLU D 61 22.94 18.10 -23.88
N ILE D 62 21.83 18.07 -23.14
CA ILE D 62 21.71 18.80 -21.88
C ILE D 62 22.73 18.31 -20.84
N VAL D 63 22.89 16.98 -20.71
CA VAL D 63 23.90 16.41 -19.83
C VAL D 63 25.28 17.02 -20.13
N GLU D 64 25.60 17.12 -21.42
CA GLU D 64 26.89 17.64 -21.85
C GLU D 64 27.06 19.14 -21.59
N VAL D 65 25.98 19.90 -21.80
CA VAL D 65 25.97 21.33 -21.51
C VAL D 65 26.22 21.56 -20.02
N LEU D 66 25.54 20.79 -19.17
CA LEU D 66 25.71 20.90 -17.72
C LEU D 66 27.13 20.58 -17.28
N LEU D 67 27.66 19.46 -17.74
CA LEU D 67 29.03 19.07 -17.42
C LEU D 67 30.06 20.12 -17.88
N LYS D 68 29.82 20.71 -19.04
CA LYS D 68 30.64 21.82 -19.54
C LYS D 68 30.61 23.03 -18.61
N TYR D 69 29.44 23.30 -18.05
CA TYR D 69 29.25 24.40 -17.11
C TYR D 69 29.51 24.00 -15.65
N GLY D 70 30.37 22.98 -15.48
CA GLY D 70 30.88 22.58 -14.17
C GLY D 70 29.90 21.89 -13.23
N ALA D 71 28.98 21.11 -13.78
CA ALA D 71 28.05 20.33 -12.97
C ALA D 71 28.80 19.32 -12.11
N ASP D 72 28.34 19.15 -10.87
CA ASP D 72 28.88 18.15 -9.98
C ASP D 72 28.48 16.78 -10.52
N VAL D 73 29.45 16.11 -11.15
CA VAL D 73 29.24 14.81 -11.79
C VAL D 73 28.82 13.72 -10.79
N ASN D 74 29.23 13.89 -9.53
CA ASN D 74 28.96 12.91 -8.48
C ASN D 74 27.93 13.34 -7.42
N ALA D 75 27.10 14.32 -7.75
CA ALA D 75 26.03 14.77 -6.86
C ALA D 75 25.12 13.60 -6.46
N ALA D 76 24.69 13.59 -5.20
CA ALA D 76 23.87 12.49 -4.67
C ALA D 76 22.47 12.95 -4.27
N ASP D 77 21.46 12.14 -4.62
CA ASP D 77 20.06 12.48 -4.28
C ASP D 77 19.65 11.90 -2.91
N PHE D 78 18.34 11.86 -2.66
CA PHE D 78 17.80 11.44 -1.37
C PHE D 78 18.18 10.01 -0.94
N ILE D 79 18.51 9.15 -1.90
CA ILE D 79 18.97 7.79 -1.58
C ILE D 79 20.44 7.52 -1.95
N GLY D 80 21.18 8.59 -2.24
CA GLY D 80 22.59 8.47 -2.55
C GLY D 80 22.90 8.10 -3.99
N ASP D 81 21.89 8.17 -4.85
CA ASP D 81 22.09 7.93 -6.29
C ASP D 81 22.75 9.12 -6.95
N THR D 82 23.75 8.82 -7.77
CA THR D 82 24.42 9.80 -8.62
C THR D 82 23.77 9.77 -10.01
N PRO D 83 24.02 10.80 -10.85
CA PRO D 83 23.54 10.74 -12.22
C PRO D 83 23.94 9.46 -12.96
N LEU D 84 25.16 8.96 -12.71
CA LEU D 84 25.60 7.69 -13.30
C LEU D 84 24.71 6.50 -12.90
N HIS D 85 24.33 6.43 -11.62
CA HIS D 85 23.37 5.40 -11.18
C HIS D 85 22.10 5.45 -12.04
N LEU D 86 21.57 6.65 -12.25
CA LEU D 86 20.29 6.81 -12.96
C LEU D 86 20.39 6.46 -14.44
N ALA D 87 21.47 6.89 -15.09
CA ALA D 87 21.70 6.54 -16.49
C ALA D 87 21.92 5.04 -16.66
N ALA D 88 22.66 4.42 -15.74
CA ALA D 88 22.91 2.99 -15.78
C ALA D 88 21.64 2.17 -15.55
N TYR D 89 20.78 2.66 -14.66
CA TYR D 89 19.49 2.03 -14.37
C TYR D 89 18.58 2.10 -15.58
N ARG D 90 18.40 3.30 -16.11
CA ARG D 90 17.44 3.50 -17.19
C ARG D 90 17.91 2.90 -18.51
N GLY D 91 19.22 2.89 -18.75
CA GLY D 91 19.78 2.32 -19.97
C GLY D 91 20.34 3.29 -20.99
N HIS D 92 20.80 4.46 -20.53
CA HIS D 92 21.28 5.50 -21.45
C HIS D 92 22.79 5.39 -21.60
N LEU D 93 23.19 4.63 -22.61
CA LEU D 93 24.58 4.25 -22.82
C LEU D 93 25.51 5.43 -23.08
N GLU D 94 25.12 6.31 -23.98
CA GLU D 94 25.95 7.45 -24.37
C GLU D 94 26.13 8.39 -23.17
N ILE D 95 25.08 8.58 -22.39
CA ILE D 95 25.15 9.38 -21.16
C ILE D 95 26.10 8.74 -20.13
N VAL D 96 26.03 7.41 -19.99
CA VAL D 96 26.97 6.70 -19.12
C VAL D 96 28.42 7.03 -19.52
N GLU D 97 28.71 6.92 -20.81
CA GLU D 97 30.05 7.20 -21.32
C GLU D 97 30.49 8.64 -21.02
N VAL D 98 29.61 9.60 -21.28
CA VAL D 98 29.95 11.01 -21.09
C VAL D 98 30.14 11.35 -19.61
N LEU D 99 29.30 10.81 -18.74
CA LEU D 99 29.46 10.99 -17.31
C LEU D 99 30.81 10.48 -16.83
N LEU D 100 31.19 9.28 -17.29
CA LEU D 100 32.51 8.71 -16.97
C LEU D 100 33.67 9.58 -17.47
N LYS D 101 33.52 10.11 -18.68
CA LYS D 101 34.53 11.01 -19.27
C LYS D 101 34.73 12.25 -18.39
N TYR D 102 33.65 12.73 -17.80
CA TYR D 102 33.69 13.90 -16.92
C TYR D 102 33.91 13.56 -15.44
N GLY D 103 34.44 12.36 -15.18
CA GLY D 103 34.92 11.97 -13.85
C GLY D 103 33.93 11.31 -12.91
N ALA D 104 32.82 10.78 -13.43
CA ALA D 104 31.87 10.07 -12.58
C ALA D 104 32.54 8.91 -11.84
N ASP D 105 32.20 8.75 -10.57
CA ASP D 105 32.67 7.65 -9.76
C ASP D 105 31.95 6.36 -10.19
N VAL D 106 32.69 5.50 -10.87
CA VAL D 106 32.16 4.26 -11.43
C VAL D 106 31.62 3.33 -10.33
N ASN D 107 32.16 3.47 -9.12
CA ASN D 107 31.81 2.60 -8.00
C ASN D 107 31.03 3.31 -6.89
N ALA D 108 30.38 4.43 -7.23
CA ALA D 108 29.50 5.13 -6.28
C ALA D 108 28.48 4.16 -5.71
N SER D 109 28.24 4.25 -4.41
CA SER D 109 27.34 3.34 -3.71
C SER D 109 26.21 4.14 -3.08
N ASP D 110 24.97 3.75 -3.37
CA ASP D 110 23.80 4.45 -2.81
C ASP D 110 23.45 3.92 -1.42
N ILE D 111 22.31 4.35 -0.86
CA ILE D 111 21.95 4.05 0.53
C ILE D 111 21.78 2.54 0.82
N THR D 112 21.37 1.78 -0.19
CA THR D 112 21.25 0.32 -0.03
C THR D 112 22.46 -0.44 -0.58
N GLY D 113 23.53 0.29 -0.90
CA GLY D 113 24.77 -0.32 -1.36
C GLY D 113 24.82 -0.68 -2.84
N GLU D 114 23.88 -0.17 -3.62
CA GLU D 114 23.87 -0.40 -5.06
C GLU D 114 24.88 0.50 -5.75
N THR D 115 25.72 -0.11 -6.59
CA THR D 115 26.61 0.61 -7.48
C THR D 115 25.94 0.72 -8.85
N PRO D 116 26.44 1.60 -9.75
CA PRO D 116 25.91 1.61 -11.11
C PRO D 116 25.89 0.23 -11.78
N LEU D 117 26.91 -0.59 -11.55
CA LEU D 117 26.93 -1.94 -12.11
C LEU D 117 25.78 -2.80 -11.59
N HIS D 118 25.46 -2.70 -10.30
CA HIS D 118 24.27 -3.37 -9.74
C HIS D 118 23.01 -2.97 -10.51
N LEU D 119 22.86 -1.67 -10.78
CA LEU D 119 21.63 -1.17 -11.40
C LEU D 119 21.52 -1.58 -12.87
N ALA D 120 22.64 -1.56 -13.59
CA ALA D 120 22.65 -2.04 -14.97
C ALA D 120 22.32 -3.55 -15.03
N ALA D 121 22.82 -4.31 -14.05
CA ALA D 121 22.50 -5.73 -13.92
C ALA D 121 21.03 -5.97 -13.55
N GLN D 122 20.46 -5.08 -12.74
CA GLN D 122 19.08 -5.19 -12.29
C GLN D 122 18.10 -5.08 -13.46
N ILE D 123 18.30 -4.04 -14.27
CA ILE D 123 17.35 -3.71 -15.33
C ILE D 123 17.69 -4.43 -16.64
N GLY D 124 18.95 -4.84 -16.78
CA GLY D 124 19.35 -5.69 -17.89
C GLY D 124 19.96 -4.95 -19.07
N HIS D 125 21.01 -4.17 -18.81
CA HIS D 125 21.66 -3.39 -19.86
C HIS D 125 23.09 -3.90 -20.09
N LEU D 126 23.22 -4.88 -20.97
CA LEU D 126 24.52 -5.53 -21.21
C LEU D 126 25.61 -4.59 -21.72
N GLU D 127 25.30 -3.73 -22.69
CA GLU D 127 26.33 -2.83 -23.22
C GLU D 127 26.84 -1.89 -22.13
N ILE D 128 25.94 -1.38 -21.29
CA ILE D 128 26.32 -0.55 -20.15
C ILE D 128 27.16 -1.33 -19.13
N VAL D 129 26.79 -2.57 -18.86
CA VAL D 129 27.60 -3.43 -17.99
C VAL D 129 29.06 -3.43 -18.50
N GLU D 130 29.24 -3.66 -19.80
CA GLU D 130 30.58 -3.71 -20.38
C GLU D 130 31.35 -2.39 -20.22
N VAL D 131 30.69 -1.26 -20.47
CA VAL D 131 31.32 0.04 -20.28
C VAL D 131 31.78 0.22 -18.84
N LEU D 132 30.90 -0.07 -17.89
CA LEU D 132 31.23 0.08 -16.49
C LEU D 132 32.42 -0.81 -16.12
N LEU D 133 32.43 -2.06 -16.56
CA LEU D 133 33.54 -2.98 -16.29
C LEU D 133 34.87 -2.45 -16.82
N LYS D 134 34.83 -1.95 -18.05
CA LYS D 134 36.04 -1.47 -18.72
C LYS D 134 36.58 -0.21 -18.08
N HIS D 135 35.73 0.47 -17.29
CA HIS D 135 36.09 1.66 -16.50
C HIS D 135 36.34 1.40 -15.02
N GLY D 136 36.49 0.12 -14.66
CA GLY D 136 36.90 -0.26 -13.31
C GLY D 136 35.79 -0.54 -12.31
N ALA D 137 34.57 -0.81 -12.79
CA ALA D 137 33.49 -1.20 -11.88
C ALA D 137 33.88 -2.46 -11.09
N ASP D 138 33.57 -2.46 -9.80
CA ASP D 138 33.92 -3.54 -8.90
C ASP D 138 32.92 -4.71 -8.96
N VAL D 139 33.34 -5.82 -9.55
CA VAL D 139 32.47 -7.02 -9.66
C VAL D 139 32.11 -7.67 -8.31
N ASN D 140 32.87 -7.36 -7.26
CA ASN D 140 32.66 -7.97 -5.95
C ASN D 140 31.83 -7.15 -4.98
N ALA D 141 31.45 -5.94 -5.39
CA ALA D 141 30.69 -5.02 -4.54
C ALA D 141 29.37 -5.65 -4.13
N GLN D 142 29.11 -5.68 -2.82
CA GLN D 142 27.88 -6.25 -2.29
C GLN D 142 26.96 -5.16 -1.77
N ASP D 143 25.69 -5.24 -2.11
CA ASP D 143 24.70 -4.31 -1.59
C ASP D 143 24.23 -4.75 -0.19
N LYS D 144 23.23 -4.06 0.36
CA LYS D 144 22.73 -4.37 1.71
C LYS D 144 22.16 -5.78 1.85
N PHE D 145 21.73 -6.37 0.74
CA PHE D 145 21.18 -7.72 0.71
C PHE D 145 22.25 -8.79 0.44
N GLY D 146 23.50 -8.36 0.36
CA GLY D 146 24.62 -9.27 0.11
C GLY D 146 24.81 -9.67 -1.34
N LYS D 147 24.16 -8.93 -2.24
CA LYS D 147 24.17 -9.27 -3.67
C LYS D 147 25.30 -8.56 -4.42
N THR D 148 26.02 -9.33 -5.22
CA THR D 148 26.90 -8.75 -6.23
C THR D 148 26.07 -8.42 -7.48
N PRO D 149 26.61 -7.61 -8.40
CA PRO D 149 25.91 -7.44 -9.67
C PRO D 149 25.57 -8.76 -10.39
N ALA D 150 26.49 -9.73 -10.37
CA ALA D 150 26.21 -11.03 -10.98
C ALA D 150 25.01 -11.73 -10.32
N ASP D 151 24.92 -11.63 -9.00
CA ASP D 151 23.80 -12.19 -8.24
C ASP D 151 22.49 -11.59 -8.74
N ILE D 152 22.47 -10.26 -8.85
CA ILE D 152 21.28 -9.54 -9.29
C ILE D 152 20.88 -9.94 -10.71
N ALA D 153 21.86 -9.99 -11.62
CA ALA D 153 21.59 -10.37 -13.00
C ALA D 153 20.96 -11.76 -13.07
N ALA D 154 21.52 -12.72 -12.32
CA ALA D 154 21.00 -14.07 -12.30
C ALA D 154 19.59 -14.11 -11.71
N ASP D 155 19.40 -13.44 -10.58
CA ASP D 155 18.11 -13.40 -9.90
C ASP D 155 17.00 -12.85 -10.81
N ASN D 156 17.36 -11.87 -11.63
CA ASN D 156 16.40 -11.16 -12.47
C ASN D 156 16.30 -11.71 -13.89
N GLY D 157 16.88 -12.87 -14.13
CA GLY D 157 16.73 -13.57 -15.41
C GLY D 157 17.52 -12.97 -16.56
N HIS D 158 18.54 -12.16 -16.24
CA HIS D 158 19.40 -11.57 -17.27
C HIS D 158 20.62 -12.46 -17.46
N GLU D 159 20.39 -13.59 -18.12
CA GLU D 159 21.37 -14.66 -18.24
C GLU D 159 22.64 -14.22 -18.97
N ASP D 160 22.48 -13.42 -20.03
CA ASP D 160 23.63 -12.93 -20.80
C ASP D 160 24.60 -12.15 -19.93
N ILE D 161 24.05 -11.26 -19.09
CA ILE D 161 24.86 -10.46 -18.18
C ILE D 161 25.50 -11.34 -17.11
N ALA D 162 24.71 -12.25 -16.53
CA ALA D 162 25.27 -13.15 -15.52
C ALA D 162 26.47 -13.94 -16.06
N GLU D 163 26.34 -14.42 -17.30
CA GLU D 163 27.39 -15.21 -17.95
C GLU D 163 28.66 -14.40 -18.19
N VAL D 164 28.49 -13.16 -18.68
CA VAL D 164 29.60 -12.23 -18.86
C VAL D 164 30.36 -12.00 -17.54
N LEU D 165 29.61 -11.71 -16.48
CA LEU D 165 30.23 -11.40 -15.18
C LEU D 165 30.93 -12.61 -14.55
N GLN D 166 30.37 -13.81 -14.79
CA GLN D 166 30.96 -15.07 -14.30
C GLN D 166 32.36 -15.33 -14.85
N LYS D 167 32.60 -14.89 -16.08
CA LYS D 167 33.90 -15.10 -16.76
C LYS D 167 35.03 -14.24 -16.18
N LEU D 168 34.68 -13.30 -15.30
CA LEU D 168 35.63 -12.30 -14.83
C LEU D 168 36.12 -12.56 -13.42
N ASN D 169 35.68 -13.68 -12.83
CA ASN D 169 36.06 -14.02 -11.46
C ASN D 169 37.50 -14.51 -11.35
P PO4 E . 7.73 -33.54 -4.34
O1 PO4 E . 7.12 -32.20 -4.01
O2 PO4 E . 7.10 -34.13 -5.57
O3 PO4 E . 9.21 -33.43 -4.55
O4 PO4 E . 7.51 -34.49 -3.17
C1 GOL F . -27.70 3.66 -6.22
O1 GOL F . -28.83 2.86 -6.46
C2 GOL F . -26.77 3.64 -7.43
O2 GOL F . -27.33 4.40 -8.47
C3 GOL F . -25.42 4.23 -7.05
O3 GOL F . -24.50 3.97 -8.08
C1 GOL G . -22.05 7.35 -11.24
O1 GOL G . -22.79 8.18 -12.12
C2 GOL G . -22.77 6.04 -10.99
O2 GOL G . -22.04 5.24 -10.09
C3 GOL G . -24.15 6.31 -10.39
O3 GOL G . -24.87 5.10 -10.41
P PO4 H . -4.03 6.90 -0.96
O1 PO4 H . -4.10 8.41 -1.08
O2 PO4 H . -3.06 6.42 -2.02
O3 PO4 H . -3.50 6.52 0.40
O4 PO4 H . -5.40 6.31 -1.20
#